data_4F7P
#
_entry.id   4F7P
#
_cell.length_a   162.122
_cell.length_b   64.787
_cell.length_c   50.229
_cell.angle_alpha   90.00
_cell.angle_beta   90.04
_cell.angle_gamma   90.00
#
_symmetry.space_group_name_H-M   'C 1 2 1'
#
loop_
_entity.id
_entity.type
_entity.pdbx_description
1 polymer 'HLA class I histocompatibility antigen, A-24 alpha chain'
2 polymer Beta-2-microglobulin
3 polymer 'RNA-directed RNA polymerase catalytic subunit'
4 water water
#
loop_
_entity_poly.entity_id
_entity_poly.type
_entity_poly.pdbx_seq_one_letter_code
_entity_poly.pdbx_strand_id
1 'polypeptide(L)'
;MGSHSMRYFSTSVSRPGRGEPRFIAVGYVDDTQFVRFDSDAASQRMEPRAPWIEQEGPEYWDEETGKVKAHSQTDRENLR
IALRYYNQSEAGSHTLQMMFGCDVGSDGRFLRGYHQYAYDGKDYIALKEDLRSWTAADMAAQITKRKWEAAHVAEQQRAY
LEGTCVDGLRRYLENGKETLQRTDPPKTHMTHHPISDHEATLRCWALGFYPAEITLTWQRDGEDQTQDTELVETRPAGDG
TFQKWAAVVVPSGEEQRYTCHVQHEGLPKPLTLRW
;
A
2 'polypeptide(L)'
;MIQRTPKIQVYSRHPAENGKSNFLNCYVSGFHPSDIEVDLLKNGERIEKVEHSDLSFSKDWSFYLLYYTEFTPTEKDEYA
CRVNHVTLSQPKIVKWDRDM
;
B
3 'polypeptide(L)' FYRYGFVANF C
#
# COMPACT_ATOMS: atom_id res chain seq x y z
N GLY A 2 3.14 -10.58 18.91
CA GLY A 2 1.82 -10.04 18.61
C GLY A 2 1.11 -10.80 17.52
N SER A 3 0.00 -10.24 17.04
CA SER A 3 -0.76 -10.86 15.98
C SER A 3 -0.14 -10.59 14.61
N HIS A 4 -0.58 -11.34 13.60
CA HIS A 4 -0.03 -11.18 12.26
C HIS A 4 -1.12 -11.33 11.20
N SER A 5 -0.82 -10.86 9.99
CA SER A 5 -1.79 -10.96 8.91
C SER A 5 -1.13 -11.47 7.64
N MET A 6 -1.92 -12.14 6.80
CA MET A 6 -1.54 -12.40 5.42
C MET A 6 -2.65 -11.86 4.54
N ARG A 7 -2.27 -11.16 3.47
CA ARG A 7 -3.22 -10.55 2.57
C ARG A 7 -2.77 -10.74 1.14
N TYR A 8 -3.71 -11.08 0.28
CA TYR A 8 -3.48 -11.01 -1.14
C TYR A 8 -4.37 -9.92 -1.71
N PHE A 9 -3.80 -9.10 -2.57
CA PHE A 9 -4.51 -8.01 -3.21
C PHE A 9 -4.44 -8.19 -4.71
N SER A 10 -5.59 -8.16 -5.38
CA SER A 10 -5.58 -8.27 -6.83
C SER A 10 -6.30 -7.08 -7.46
N THR A 11 -5.81 -6.68 -8.63
CA THR A 11 -6.41 -5.61 -9.42
C THR A 11 -6.56 -6.07 -10.87
N SER A 12 -7.79 -6.08 -11.37
CA SER A 12 -8.05 -6.34 -12.78
C SER A 12 -8.54 -5.06 -13.43
N VAL A 13 -7.92 -4.69 -14.55
CA VAL A 13 -8.30 -3.48 -15.26
C VAL A 13 -8.60 -3.82 -16.72
N SER A 14 -9.83 -3.53 -17.15
CA SER A 14 -10.18 -3.78 -18.54
C SER A 14 -9.67 -2.64 -19.42
N ARG A 15 -9.39 -2.93 -20.67
CA ARG A 15 -8.88 -1.94 -21.60
C ARG A 15 -9.43 -2.23 -23.00
N PRO A 16 -10.68 -1.81 -23.24
CA PRO A 16 -11.38 -2.05 -24.50
C PRO A 16 -10.51 -1.68 -25.70
N GLY A 17 -10.33 -2.63 -26.61
CA GLY A 17 -9.51 -2.41 -27.79
C GLY A 17 -8.10 -2.92 -27.61
N ARG A 18 -7.48 -2.57 -26.47
CA ARG A 18 -6.09 -2.93 -26.21
C ARG A 18 -5.90 -4.30 -25.59
N GLY A 19 -6.80 -5.23 -25.92
CA GLY A 19 -6.65 -6.61 -25.48
C GLY A 19 -7.41 -6.95 -24.21
N GLU A 20 -7.10 -8.09 -23.61
CA GLU A 20 -7.77 -8.54 -22.40
C GLU A 20 -7.34 -7.76 -21.15
N PRO A 21 -8.17 -7.81 -20.10
CA PRO A 21 -7.88 -7.07 -18.87
C PRO A 21 -6.54 -7.46 -18.27
N ARG A 22 -5.78 -6.47 -17.81
CA ARG A 22 -4.55 -6.76 -17.08
C ARG A 22 -4.85 -7.07 -15.63
N PHE A 23 -4.25 -8.14 -15.14
CA PHE A 23 -4.45 -8.64 -13.79
C PHE A 23 -3.12 -8.64 -13.05
N ILE A 24 -3.07 -7.96 -11.92
CA ILE A 24 -1.88 -7.93 -11.09
C ILE A 24 -2.27 -8.33 -9.67
N ALA A 25 -1.55 -9.30 -9.10
CA ALA A 25 -1.78 -9.73 -7.72
C ALA A 25 -0.50 -9.64 -6.92
N VAL A 26 -0.65 -9.28 -5.65
CA VAL A 26 0.49 -9.24 -4.72
C VAL A 26 0.10 -9.90 -3.40
N GLY A 27 1.10 -10.47 -2.72
CA GLY A 27 0.87 -11.08 -1.42
C GLY A 27 1.75 -10.45 -0.36
N TYR A 28 1.20 -10.28 0.84
CA TYR A 28 1.91 -9.67 1.93
C TYR A 28 1.78 -10.52 3.18
N VAL A 29 2.84 -10.55 3.98
CA VAL A 29 2.68 -10.90 5.38
C VAL A 29 2.99 -9.76 6.34
N ASP A 30 1.96 -9.25 7.01
CA ASP A 30 2.00 -7.95 7.67
C ASP A 30 2.39 -6.94 6.58
N ASP A 31 3.42 -6.14 6.81
CA ASP A 31 3.74 -5.05 5.88
C ASP A 31 4.90 -5.41 4.95
N THR A 32 5.12 -6.70 4.76
CA THR A 32 6.22 -7.19 3.93
C THR A 32 5.66 -7.95 2.75
N GLN A 33 5.94 -7.49 1.53
CA GLN A 33 5.45 -8.18 0.35
C GLN A 33 6.31 -9.42 0.14
N PHE A 34 5.73 -10.49 -0.43
CA PHE A 34 6.51 -11.71 -0.68
C PHE A 34 6.26 -12.40 -2.02
N VAL A 35 5.13 -12.12 -2.68
CA VAL A 35 4.91 -12.63 -4.04
C VAL A 35 4.20 -11.63 -4.93
N ARG A 36 4.26 -11.88 -6.23
CA ARG A 36 3.54 -11.07 -7.20
C ARG A 36 3.17 -11.90 -8.42
N PHE A 37 2.11 -11.50 -9.11
CA PHE A 37 1.79 -12.04 -10.43
C PHE A 37 1.26 -10.92 -11.33
N ASP A 38 1.77 -10.87 -12.55
CA ASP A 38 1.36 -9.82 -13.50
C ASP A 38 1.01 -10.48 -14.83
N SER A 39 -0.26 -10.41 -15.22
CA SER A 39 -0.73 -11.14 -16.41
C SER A 39 -0.05 -10.65 -17.68
N ASP A 40 0.49 -9.44 -17.65
CA ASP A 40 1.19 -8.88 -18.81
C ASP A 40 2.65 -9.32 -18.89
N ALA A 41 3.19 -9.86 -17.80
CA ALA A 41 4.60 -10.26 -17.76
C ALA A 41 4.88 -11.50 -18.59
N ALA A 42 6.15 -11.67 -18.96
CA ALA A 42 6.55 -12.76 -19.84
C ALA A 42 6.49 -14.13 -19.14
N SER A 43 6.93 -14.17 -17.89
CA SER A 43 7.01 -15.43 -17.14
C SER A 43 5.68 -16.17 -17.03
N GLN A 44 4.59 -15.43 -16.82
CA GLN A 44 3.30 -16.04 -16.52
C GLN A 44 3.39 -16.91 -15.27
N ARG A 45 4.17 -16.46 -14.30
CA ARG A 45 4.41 -17.22 -13.08
C ARG A 45 4.21 -16.36 -11.84
N MET A 46 3.75 -16.97 -10.76
CA MET A 46 3.85 -16.31 -9.46
C MET A 46 5.33 -16.19 -9.19
N GLU A 47 5.78 -15.03 -8.72
CA GLU A 47 7.20 -14.77 -8.54
C GLU A 47 7.50 -14.33 -7.10
N PRO A 48 8.68 -14.71 -6.60
CA PRO A 48 9.15 -14.36 -5.25
C PRO A 48 9.47 -12.88 -5.18
N ARG A 49 9.17 -12.24 -4.05
CA ARG A 49 9.51 -10.83 -3.83
C ARG A 49 10.02 -10.62 -2.41
N ALA A 50 10.29 -11.73 -1.72
CA ALA A 50 10.96 -11.68 -0.42
C ALA A 50 11.95 -12.83 -0.34
N PRO A 51 13.10 -12.61 0.31
CA PRO A 51 14.15 -13.64 0.39
C PRO A 51 13.66 -14.95 1.02
N TRP A 52 12.81 -14.85 2.03
CA TRP A 52 12.38 -16.05 2.77
C TRP A 52 11.36 -16.94 2.05
N ILE A 53 10.92 -16.53 0.86
CA ILE A 53 9.99 -17.37 0.11
C ILE A 53 10.70 -18.08 -1.05
N GLU A 54 11.90 -17.60 -1.39
CA GLU A 54 12.65 -18.16 -2.50
C GLU A 54 12.97 -19.63 -2.26
N GLN A 55 12.98 -20.03 -0.99
CA GLN A 55 13.32 -21.40 -0.61
C GLN A 55 12.21 -22.40 -0.96
N GLU A 56 11.02 -21.91 -1.29
CA GLU A 56 9.92 -22.80 -1.62
C GLU A 56 10.25 -23.62 -2.86
N GLY A 57 9.91 -24.90 -2.83
CA GLY A 57 10.21 -25.81 -3.91
C GLY A 57 9.43 -25.51 -5.17
N PRO A 58 9.77 -26.21 -6.27
CA PRO A 58 9.16 -25.98 -7.58
C PRO A 58 7.65 -26.26 -7.58
N GLU A 59 7.21 -27.15 -6.69
CA GLU A 59 5.80 -27.50 -6.59
C GLU A 59 4.99 -26.34 -6.01
N TYR A 60 5.55 -25.66 -5.02
CA TYR A 60 4.95 -24.44 -4.49
C TYR A 60 4.67 -23.48 -5.63
N TRP A 61 5.70 -23.15 -6.39
CA TRP A 61 5.57 -22.16 -7.44
C TRP A 61 4.62 -22.58 -8.56
N ASP A 62 4.60 -23.88 -8.86
CA ASP A 62 3.63 -24.42 -9.80
C ASP A 62 2.21 -24.20 -9.29
N GLU A 63 1.93 -24.64 -8.06
CA GLU A 63 0.58 -24.58 -7.51
C GLU A 63 0.06 -23.14 -7.35
N GLU A 64 0.91 -22.27 -6.80
CA GLU A 64 0.55 -20.86 -6.63
C GLU A 64 0.23 -20.21 -7.96
N THR A 65 1.03 -20.53 -8.98
CA THR A 65 0.77 -19.98 -10.30
C THR A 65 -0.57 -20.44 -10.83
N GLY A 66 -0.89 -21.72 -10.61
CA GLY A 66 -2.15 -22.28 -11.06
C GLY A 66 -3.30 -21.54 -10.39
N LYS A 67 -3.23 -21.46 -9.07
CA LYS A 67 -4.27 -20.80 -8.29
C LYS A 67 -4.49 -19.35 -8.71
N VAL A 68 -3.41 -18.58 -8.83
CA VAL A 68 -3.55 -17.15 -9.18
C VAL A 68 -3.98 -16.93 -10.64
N LYS A 69 -3.59 -17.83 -11.54
CA LYS A 69 -4.06 -17.70 -12.91
C LYS A 69 -5.57 -17.96 -12.98
N ALA A 70 -6.04 -18.92 -12.18
CA ALA A 70 -7.47 -19.24 -12.12
C ALA A 70 -8.27 -18.03 -11.63
N HIS A 71 -7.76 -17.37 -10.58
CA HIS A 71 -8.36 -16.14 -10.07
C HIS A 71 -8.41 -15.11 -11.20
N SER A 72 -7.31 -14.99 -11.93
CA SER A 72 -7.21 -14.06 -13.04
C SER A 72 -8.33 -14.25 -14.07
N GLN A 73 -8.63 -15.49 -14.42
CA GLN A 73 -9.72 -15.76 -15.36
C GLN A 73 -11.09 -15.48 -14.73
N THR A 74 -11.25 -15.87 -13.47
CA THR A 74 -12.51 -15.63 -12.77
C THR A 74 -12.86 -14.15 -12.75
N ASP A 75 -11.91 -13.30 -12.38
CA ASP A 75 -12.19 -11.87 -12.32
C ASP A 75 -12.35 -11.26 -13.71
N ARG A 76 -11.76 -11.91 -14.73
CA ARG A 76 -12.00 -11.47 -16.09
C ARG A 76 -13.48 -11.68 -16.46
N GLU A 77 -14.03 -12.81 -16.05
CA GLU A 77 -15.44 -13.11 -16.28
C GLU A 77 -16.30 -12.16 -15.46
N ASN A 78 -15.86 -11.89 -14.23
CA ASN A 78 -16.62 -11.02 -13.33
C ASN A 78 -16.73 -9.59 -13.82
N LEU A 79 -15.68 -9.08 -14.45
CA LEU A 79 -15.73 -7.77 -15.09
C LEU A 79 -16.84 -7.71 -16.14
N ARG A 80 -16.95 -8.74 -16.97
CA ARG A 80 -17.98 -8.76 -18.00
C ARG A 80 -19.39 -8.78 -17.40
N ILE A 81 -19.55 -9.53 -16.31
CA ILE A 81 -20.86 -9.64 -15.66
C ILE A 81 -21.26 -8.31 -15.04
N ALA A 82 -20.28 -7.61 -14.47
CA ALA A 82 -20.51 -6.31 -13.85
C ALA A 82 -20.98 -5.30 -14.89
N LEU A 83 -20.40 -5.37 -16.09
CA LEU A 83 -20.86 -4.51 -17.19
C LEU A 83 -22.35 -4.69 -17.38
N ARG A 84 -22.78 -5.94 -17.44
CA ARG A 84 -24.19 -6.26 -17.60
C ARG A 84 -25.02 -5.72 -16.44
N TYR A 85 -24.66 -6.10 -15.22
CA TYR A 85 -25.38 -5.66 -14.02
C TYR A 85 -25.55 -4.14 -13.96
N TYR A 86 -24.53 -3.41 -14.40
CA TYR A 86 -24.53 -1.96 -14.28
C TYR A 86 -24.98 -1.28 -15.58
N ASN A 87 -25.28 -2.09 -16.59
CA ASN A 87 -25.66 -1.59 -17.91
C ASN A 87 -24.65 -0.57 -18.42
N GLN A 88 -23.38 -0.99 -18.46
CA GLN A 88 -22.31 -0.11 -18.90
C GLN A 88 -21.78 -0.50 -20.28
N SER A 89 -21.33 0.50 -21.03
CA SER A 89 -20.81 0.27 -22.37
C SER A 89 -19.57 -0.62 -22.36
N GLU A 90 -19.38 -1.35 -23.46
CA GLU A 90 -18.21 -2.21 -23.60
C GLU A 90 -16.98 -1.39 -24.00
N ALA A 91 -17.17 -0.09 -24.11
CA ALA A 91 -16.11 0.82 -24.54
C ALA A 91 -15.26 1.34 -23.38
N GLY A 92 -15.83 1.33 -22.18
CA GLY A 92 -15.17 1.92 -21.02
C GLY A 92 -14.20 0.99 -20.31
N SER A 93 -13.21 1.58 -19.66
CA SER A 93 -12.30 0.80 -18.81
C SER A 93 -12.83 0.73 -17.38
N HIS A 94 -12.81 -0.46 -16.79
CA HIS A 94 -13.31 -0.63 -15.43
C HIS A 94 -12.33 -1.43 -14.59
N THR A 95 -12.46 -1.30 -13.27
CA THR A 95 -11.55 -1.96 -12.34
C THR A 95 -12.30 -2.90 -11.42
N LEU A 96 -11.74 -4.09 -11.22
CA LEU A 96 -12.24 -5.01 -10.21
C LEU A 96 -11.11 -5.40 -9.29
N GLN A 97 -11.26 -5.05 -8.01
CA GLN A 97 -10.24 -5.34 -7.02
C GLN A 97 -10.74 -6.38 -6.05
N MET A 98 -9.82 -7.18 -5.54
CA MET A 98 -10.20 -8.21 -4.61
C MET A 98 -9.14 -8.33 -3.52
N MET A 99 -9.57 -8.51 -2.28
CA MET A 99 -8.66 -8.71 -1.18
C MET A 99 -9.12 -9.91 -0.36
N PHE A 100 -8.18 -10.76 0.01
CA PHE A 100 -8.48 -11.90 0.88
C PHE A 100 -7.28 -12.23 1.75
N GLY A 101 -7.52 -12.96 2.84
CA GLY A 101 -6.45 -13.33 3.73
C GLY A 101 -6.97 -13.55 5.14
N CYS A 102 -6.07 -13.68 6.09
CA CYS A 102 -6.44 -14.01 7.46
C CYS A 102 -5.51 -13.34 8.47
N ASP A 103 -6.01 -13.19 9.70
CA ASP A 103 -5.20 -12.74 10.82
C ASP A 103 -5.04 -13.88 11.82
N VAL A 104 -3.89 -13.97 12.46
CA VAL A 104 -3.70 -14.94 13.55
C VAL A 104 -3.21 -14.24 14.81
N GLY A 105 -3.43 -14.87 15.96
CA GLY A 105 -2.96 -14.32 17.22
C GLY A 105 -1.50 -14.65 17.46
N SER A 106 -0.97 -14.24 18.60
CA SER A 106 0.43 -14.51 18.94
C SER A 106 0.71 -16.00 19.03
N ASP A 107 -0.34 -16.80 19.23
CA ASP A 107 -0.20 -18.24 19.36
C ASP A 107 -0.53 -18.97 18.07
N GLY A 108 -0.71 -18.21 17.00
CA GLY A 108 -0.96 -18.77 15.68
C GLY A 108 -2.41 -19.12 15.40
N ARG A 109 -3.27 -18.92 16.40
CA ARG A 109 -4.69 -19.25 16.27
C ARG A 109 -5.39 -18.32 15.28
N PHE A 110 -6.34 -18.86 14.53
CA PHE A 110 -7.17 -18.05 13.65
C PHE A 110 -7.85 -16.93 14.41
N LEU A 111 -7.81 -15.73 13.83
CA LEU A 111 -8.40 -14.55 14.46
C LEU A 111 -9.51 -13.97 13.60
N ARG A 112 -9.30 -13.93 12.28
CA ARG A 112 -10.29 -13.40 11.35
C ARG A 112 -9.92 -13.68 9.90
N GLY A 113 -10.92 -13.74 9.03
CA GLY A 113 -10.70 -13.97 7.61
C GLY A 113 -11.40 -12.93 6.76
N TYR A 114 -10.86 -12.68 5.57
CA TYR A 114 -11.39 -11.64 4.70
C TYR A 114 -11.53 -12.17 3.30
N HIS A 115 -12.56 -11.70 2.60
CA HIS A 115 -12.82 -12.08 1.23
C HIS A 115 -13.74 -11.04 0.66
N GLN A 116 -13.18 -10.05 -0.02
CA GLN A 116 -13.97 -8.90 -0.44
C GLN A 116 -13.59 -8.31 -1.80
N TYR A 117 -14.58 -7.67 -2.43
CA TYR A 117 -14.45 -7.14 -3.78
C TYR A 117 -14.80 -5.66 -3.86
N ALA A 118 -14.15 -4.95 -4.79
CA ALA A 118 -14.56 -3.59 -5.09
C ALA A 118 -14.62 -3.41 -6.59
N TYR A 119 -15.63 -2.69 -7.05
CA TYR A 119 -15.79 -2.40 -8.47
C TYR A 119 -15.65 -0.91 -8.72
N ASP A 120 -14.77 -0.55 -9.63
CA ASP A 120 -14.46 0.84 -9.91
C ASP A 120 -14.18 1.61 -8.62
N GLY A 121 -13.44 0.96 -7.71
CA GLY A 121 -12.96 1.63 -6.52
C GLY A 121 -13.92 1.75 -5.34
N LYS A 122 -15.10 1.16 -5.47
CA LYS A 122 -16.10 1.20 -4.40
C LYS A 122 -16.50 -0.21 -3.98
N ASP A 123 -16.82 -0.41 -2.70
CA ASP A 123 -17.32 -1.70 -2.25
C ASP A 123 -18.29 -2.31 -3.25
N TYR A 124 -18.13 -3.61 -3.51
CA TYR A 124 -19.11 -4.38 -4.28
C TYR A 124 -19.76 -5.41 -3.36
N ILE A 125 -19.00 -6.42 -2.98
CA ILE A 125 -19.51 -7.41 -2.03
C ILE A 125 -18.38 -7.90 -1.12
N ALA A 126 -18.73 -8.24 0.12
CA ALA A 126 -17.73 -8.71 1.08
C ALA A 126 -18.27 -9.79 2.00
N LEU A 127 -17.42 -10.74 2.35
CA LEU A 127 -17.74 -11.74 3.37
C LEU A 127 -17.70 -11.07 4.72
N LYS A 128 -18.75 -11.23 5.51
CA LYS A 128 -18.77 -10.63 6.84
C LYS A 128 -17.89 -11.41 7.81
N GLU A 129 -17.68 -10.85 8.99
CA GLU A 129 -16.75 -11.43 9.95
C GLU A 129 -17.15 -12.85 10.35
N ASP A 130 -18.46 -13.12 10.43
CA ASP A 130 -18.92 -14.44 10.81
C ASP A 130 -18.59 -15.48 9.74
N LEU A 131 -18.02 -15.02 8.63
CA LEU A 131 -17.64 -15.90 7.52
C LEU A 131 -18.79 -16.75 7.00
N ARG A 132 -20.01 -16.36 7.35
CA ARG A 132 -21.18 -17.10 6.90
C ARG A 132 -22.13 -16.26 6.05
N SER A 133 -21.95 -14.94 6.06
CA SER A 133 -22.86 -14.05 5.37
C SER A 133 -22.14 -13.02 4.53
N TRP A 134 -22.88 -12.38 3.63
CA TRP A 134 -22.32 -11.37 2.73
C TRP A 134 -22.91 -9.98 2.96
N THR A 135 -22.09 -8.95 2.74
CA THR A 135 -22.61 -7.59 2.67
C THR A 135 -22.44 -7.05 1.24
N ALA A 136 -23.57 -6.74 0.62
CA ALA A 136 -23.60 -6.24 -0.74
C ALA A 136 -23.79 -4.72 -0.71
N ALA A 137 -23.04 -4.01 -1.55
CA ALA A 137 -23.03 -2.54 -1.49
C ALA A 137 -24.21 -1.90 -2.19
N ASP A 138 -24.74 -2.55 -3.22
CA ASP A 138 -25.80 -1.96 -4.04
C ASP A 138 -26.65 -3.05 -4.70
N MET A 139 -27.59 -2.64 -5.55
CA MET A 139 -28.52 -3.58 -6.16
C MET A 139 -27.84 -4.62 -7.03
N ALA A 140 -26.78 -4.21 -7.71
CA ALA A 140 -26.01 -5.13 -8.55
C ALA A 140 -25.40 -6.24 -7.69
N ALA A 141 -24.72 -5.85 -6.61
CA ALA A 141 -24.07 -6.81 -5.74
C ALA A 141 -25.08 -7.70 -5.02
N GLN A 142 -26.31 -7.22 -4.86
CA GLN A 142 -27.33 -8.03 -4.21
C GLN A 142 -27.67 -9.25 -5.06
N ILE A 143 -27.57 -9.09 -6.38
CA ILE A 143 -27.76 -10.23 -7.28
C ILE A 143 -26.72 -11.29 -6.99
N THR A 144 -25.47 -10.87 -6.89
CA THR A 144 -24.38 -11.77 -6.58
C THR A 144 -24.57 -12.41 -5.20
N LYS A 145 -24.99 -11.60 -4.24
CA LYS A 145 -25.20 -12.09 -2.88
C LYS A 145 -26.21 -13.24 -2.87
N ARG A 146 -27.32 -13.06 -3.58
CA ARG A 146 -28.33 -14.12 -3.63
C ARG A 146 -27.77 -15.39 -4.25
N LYS A 147 -27.00 -15.26 -5.33
CA LYS A 147 -26.40 -16.43 -5.97
C LYS A 147 -25.45 -17.16 -5.03
N TRP A 148 -24.61 -16.40 -4.33
CA TRP A 148 -23.58 -16.99 -3.47
C TRP A 148 -24.15 -17.61 -2.20
N GLU A 149 -25.28 -17.08 -1.75
CA GLU A 149 -26.00 -17.67 -0.63
C GLU A 149 -26.58 -19.03 -1.04
N ALA A 150 -27.25 -19.05 -2.18
CA ALA A 150 -27.82 -20.29 -2.70
C ALA A 150 -26.75 -21.35 -2.97
N ALA A 151 -25.63 -20.92 -3.54
CA ALA A 151 -24.54 -21.83 -3.89
C ALA A 151 -23.61 -22.11 -2.72
N HIS A 152 -23.91 -21.52 -1.56
CA HIS A 152 -23.13 -21.76 -0.35
C HIS A 152 -21.65 -21.44 -0.56
N VAL A 153 -21.38 -20.38 -1.31
CA VAL A 153 -20.01 -19.96 -1.60
C VAL A 153 -19.20 -19.66 -0.34
N ALA A 154 -19.86 -19.14 0.69
CA ALA A 154 -19.17 -18.76 1.92
C ALA A 154 -18.50 -19.94 2.61
N GLU A 155 -19.19 -21.08 2.66
CA GLU A 155 -18.68 -22.24 3.38
C GLU A 155 -17.26 -22.61 2.93
N GLN A 156 -17.05 -22.70 1.64
CA GLN A 156 -15.70 -22.90 1.10
C GLN A 156 -14.71 -21.86 1.66
N GLN A 157 -14.94 -20.59 1.32
CA GLN A 157 -14.03 -19.53 1.76
C GLN A 157 -13.71 -19.64 3.25
N ARG A 158 -14.75 -19.86 4.06
CA ARG A 158 -14.60 -20.13 5.49
C ARG A 158 -13.45 -21.09 5.72
N ALA A 159 -13.47 -22.20 4.99
CA ALA A 159 -12.49 -23.26 5.14
C ALA A 159 -11.07 -22.77 4.89
N TYR A 160 -10.79 -22.39 3.65
CA TYR A 160 -9.49 -21.81 3.29
C TYR A 160 -9.02 -20.81 4.34
N LEU A 161 -9.91 -19.88 4.68
CA LEU A 161 -9.58 -18.82 5.61
C LEU A 161 -9.13 -19.35 6.97
N GLU A 162 -9.78 -20.41 7.45
CA GLU A 162 -9.46 -20.96 8.76
C GLU A 162 -8.44 -22.09 8.68
N GLY A 163 -8.14 -22.56 7.49
CA GLY A 163 -7.22 -23.67 7.31
C GLY A 163 -5.95 -23.33 6.54
N THR A 164 -6.02 -23.42 5.21
CA THR A 164 -4.86 -23.20 4.35
C THR A 164 -4.22 -21.85 4.64
N CYS A 165 -5.05 -20.82 4.75
CA CYS A 165 -4.56 -19.46 4.94
C CYS A 165 -3.72 -19.38 6.21
N VAL A 166 -4.28 -19.89 7.31
CA VAL A 166 -3.60 -19.89 8.60
C VAL A 166 -2.30 -20.68 8.56
N ASP A 167 -2.34 -21.87 7.99
CA ASP A 167 -1.14 -22.70 7.89
C ASP A 167 -0.03 -21.99 7.13
N GLY A 168 -0.39 -21.38 6.00
CA GLY A 168 0.58 -20.64 5.19
C GLY A 168 1.24 -19.50 5.96
N LEU A 169 0.41 -18.71 6.66
CA LEU A 169 0.91 -17.60 7.45
C LEU A 169 1.88 -18.08 8.52
N ARG A 170 1.46 -19.09 9.28
CA ARG A 170 2.33 -19.64 10.31
C ARG A 170 3.64 -20.17 9.72
N ARG A 171 3.54 -20.83 8.57
CA ARG A 171 4.73 -21.33 7.89
C ARG A 171 5.67 -20.19 7.48
N TYR A 172 5.08 -19.14 6.89
CA TYR A 172 5.87 -18.01 6.42
C TYR A 172 6.50 -17.27 7.60
N LEU A 173 5.73 -17.11 8.68
CA LEU A 173 6.21 -16.45 9.87
C LEU A 173 7.43 -17.16 10.47
N GLU A 174 7.47 -18.47 10.34
CA GLU A 174 8.61 -19.24 10.83
C GLU A 174 9.80 -19.15 9.89
N ASN A 175 9.57 -19.40 8.60
CA ASN A 175 10.64 -19.31 7.60
C ASN A 175 11.26 -17.94 7.47
N GLY A 176 10.45 -16.90 7.59
CA GLY A 176 10.93 -15.53 7.49
C GLY A 176 11.08 -14.87 8.85
N LYS A 177 11.27 -15.70 9.88
CA LYS A 177 11.36 -15.24 11.25
C LYS A 177 12.24 -14.00 11.44
N GLU A 178 13.43 -14.01 10.87
CA GLU A 178 14.40 -12.94 11.05
C GLU A 178 13.88 -11.62 10.49
N THR A 179 13.03 -11.71 9.48
CA THR A 179 12.46 -10.54 8.84
C THR A 179 11.11 -10.18 9.43
N LEU A 180 10.22 -11.18 9.51
CA LEU A 180 8.83 -10.93 9.84
C LEU A 180 8.54 -10.74 11.33
N GLN A 181 9.33 -11.37 12.19
CA GLN A 181 9.05 -11.28 13.62
C GLN A 181 9.95 -10.27 14.29
N ARG A 182 10.41 -9.30 13.51
CA ARG A 182 11.25 -8.24 14.02
C ARG A 182 10.41 -7.00 14.28
N THR A 183 10.89 -6.15 15.16
CA THR A 183 10.37 -4.79 15.25
C THR A 183 11.56 -3.86 15.22
N ASP A 184 11.49 -2.83 14.37
CA ASP A 184 12.49 -1.80 14.31
C ASP A 184 11.87 -0.51 14.83
N PRO A 185 12.38 0.02 15.95
CA PRO A 185 11.81 1.25 16.52
C PRO A 185 12.12 2.44 15.62
N PRO A 186 11.27 3.47 15.64
CA PRO A 186 11.57 4.64 14.80
C PRO A 186 12.79 5.40 15.33
N LYS A 187 13.59 5.91 14.41
CA LYS A 187 14.62 6.88 14.77
C LYS A 187 13.97 8.23 14.57
N THR A 188 13.98 9.06 15.61
CA THR A 188 13.22 10.30 15.57
C THR A 188 14.12 11.53 15.58
N HIS A 189 13.63 12.61 14.97
CA HIS A 189 14.25 13.91 15.10
C HIS A 189 13.27 15.01 14.74
N MET A 190 13.64 16.25 15.04
CA MET A 190 12.80 17.38 14.72
C MET A 190 13.56 18.34 13.82
N THR A 191 12.84 18.97 12.90
CA THR A 191 13.42 20.05 12.13
C THR A 191 12.62 21.32 12.40
N HIS A 192 13.16 22.45 12.00
CA HIS A 192 12.64 23.75 12.39
C HIS A 192 13.01 24.75 11.31
N HIS A 193 12.02 25.43 10.75
CA HIS A 193 12.27 26.42 9.68
C HIS A 193 11.36 27.63 9.85
N PRO A 194 11.95 28.81 10.07
CA PRO A 194 11.13 30.03 10.04
C PRO A 194 10.46 30.21 8.69
N ILE A 195 9.21 30.66 8.67
CA ILE A 195 8.52 30.86 7.40
C ILE A 195 8.19 32.34 7.16
N SER A 196 8.40 33.14 8.20
CA SER A 196 8.13 34.57 8.14
C SER A 196 8.71 35.15 9.42
N ASP A 197 8.48 36.43 9.65
CA ASP A 197 9.03 37.08 10.83
C ASP A 197 8.35 36.61 12.10
N HIS A 198 7.17 35.98 11.96
CA HIS A 198 6.36 35.66 13.12
C HIS A 198 5.88 34.21 13.20
N GLU A 199 6.27 33.39 12.24
CA GLU A 199 5.88 31.98 12.28
C GLU A 199 7.01 31.06 11.84
N ALA A 200 7.01 29.84 12.38
CA ALA A 200 8.02 28.84 12.03
C ALA A 200 7.36 27.46 11.93
N THR A 201 7.98 26.57 11.16
CA THR A 201 7.52 25.19 11.07
C THR A 201 8.35 24.29 11.97
N LEU A 202 7.66 23.45 12.74
CA LEU A 202 8.30 22.33 13.43
C LEU A 202 7.85 21.05 12.75
N ARG A 203 8.78 20.19 12.39
CA ARG A 203 8.42 18.94 11.77
C ARG A 203 9.03 17.82 12.60
N CYS A 204 8.18 16.86 12.98
CA CYS A 204 8.59 15.74 13.80
C CYS A 204 8.75 14.52 12.91
N TRP A 205 9.93 13.90 12.91
CA TRP A 205 10.23 12.79 12.00
C TRP A 205 10.33 11.45 12.70
N ALA A 206 9.81 10.41 12.04
CA ALA A 206 10.05 9.02 12.45
C ALA A 206 10.61 8.27 11.25
N LEU A 207 11.77 7.63 11.43
CA LEU A 207 12.44 6.94 10.33
C LEU A 207 12.85 5.50 10.65
N GLY A 208 12.97 4.69 9.61
CA GLY A 208 13.51 3.35 9.74
C GLY A 208 12.71 2.41 10.62
N PHE A 209 11.41 2.64 10.74
CA PHE A 209 10.60 1.77 11.60
C PHE A 209 9.89 0.63 10.88
N TYR A 210 9.65 -0.46 11.60
CA TYR A 210 8.83 -1.58 11.13
C TYR A 210 8.17 -2.23 12.33
N PRO A 211 6.89 -2.62 12.21
CA PRO A 211 5.97 -2.51 11.07
C PRO A 211 5.49 -1.07 10.86
N ALA A 212 4.62 -0.85 9.87
CA ALA A 212 4.28 0.49 9.41
C ALA A 212 3.40 1.26 10.37
N GLU A 213 2.67 0.54 11.23
CA GLU A 213 1.75 1.20 12.15
C GLU A 213 2.50 2.13 13.10
N ILE A 214 2.03 3.38 13.19
CA ILE A 214 2.65 4.36 14.06
C ILE A 214 1.69 5.50 14.31
N THR A 215 1.87 6.21 15.42
CA THR A 215 1.07 7.39 15.72
C THR A 215 1.98 8.56 16.07
N LEU A 216 1.81 9.67 15.36
CA LEU A 216 2.54 10.92 15.62
C LEU A 216 1.51 11.98 15.96
N THR A 217 1.66 12.61 17.11
CA THR A 217 0.70 13.62 17.53
C THR A 217 1.45 14.82 18.07
N TRP A 218 0.96 16.02 17.75
CA TRP A 218 1.50 17.25 18.32
C TRP A 218 0.59 17.74 19.43
N GLN A 219 1.18 18.17 20.55
CA GLN A 219 0.42 18.85 21.60
C GLN A 219 0.98 20.25 21.80
N ARG A 220 0.14 21.16 22.29
CA ARG A 220 0.58 22.49 22.72
C ARG A 220 0.18 22.66 24.16
N ASP A 221 1.14 22.96 25.04
CA ASP A 221 0.87 23.01 26.45
C ASP A 221 0.07 21.79 26.89
N GLY A 222 0.34 20.65 26.26
CA GLY A 222 -0.27 19.39 26.66
C GLY A 222 -1.61 19.06 26.02
N GLU A 223 -2.07 19.89 25.08
CA GLU A 223 -3.35 19.64 24.43
C GLU A 223 -3.13 19.24 22.99
N ASP A 224 -3.71 18.12 22.57
CA ASP A 224 -3.60 17.67 21.19
C ASP A 224 -3.95 18.79 20.22
N GLN A 225 -3.21 18.84 19.11
CA GLN A 225 -3.38 19.87 18.10
C GLN A 225 -3.94 19.32 16.79
N THR A 226 -4.90 18.40 16.85
CA THR A 226 -5.39 17.76 15.62
C THR A 226 -5.35 18.62 14.33
N GLN A 227 -6.39 19.42 14.16
CA GLN A 227 -6.75 20.17 12.95
C GLN A 227 -5.70 21.11 12.30
N ASP A 228 -4.55 21.34 12.91
CA ASP A 228 -3.55 22.29 12.43
C ASP A 228 -2.24 21.56 12.11
N THR A 229 -2.19 20.28 12.45
CA THR A 229 -1.05 19.44 12.13
C THR A 229 -1.13 19.01 10.67
N GLU A 230 -0.03 19.12 9.92
CA GLU A 230 0.03 18.45 8.63
C GLU A 230 0.68 17.10 8.85
N LEU A 231 -0.02 16.04 8.45
CA LEU A 231 0.45 14.70 8.68
C LEU A 231 0.52 13.99 7.33
N VAL A 232 1.67 13.46 6.95
CA VAL A 232 1.76 12.78 5.67
C VAL A 232 1.47 11.29 5.83
N GLU A 233 1.09 10.66 4.74
CA GLU A 233 0.84 9.22 4.76
C GLU A 233 2.15 8.51 5.05
N THR A 234 2.09 7.48 5.87
CA THR A 234 3.26 6.66 6.14
C THR A 234 3.78 6.13 4.81
N ARG A 235 5.09 6.20 4.60
CA ARG A 235 5.65 5.86 3.29
C ARG A 235 6.81 4.88 3.39
N PRO A 236 7.00 4.06 2.35
CA PRO A 236 8.10 3.09 2.39
C PRO A 236 9.45 3.75 2.11
N ALA A 237 10.45 3.38 2.90
CA ALA A 237 11.81 3.86 2.65
C ALA A 237 12.44 3.14 1.44
N GLY A 238 11.98 1.92 1.18
CA GLY A 238 12.50 1.13 0.05
C GLY A 238 13.36 -0.03 0.52
N ASP A 239 13.79 0.03 1.78
CA ASP A 239 14.65 -1.02 2.35
C ASP A 239 13.86 -1.95 3.26
N GLY A 240 12.53 -1.84 3.21
CA GLY A 240 11.68 -2.64 4.06
C GLY A 240 11.22 -1.95 5.34
N THR A 241 11.72 -0.75 5.59
CA THR A 241 11.22 0.04 6.72
C THR A 241 10.36 1.22 6.24
N PHE A 242 9.78 1.95 7.18
CA PHE A 242 8.83 3.01 6.84
C PHE A 242 9.19 4.38 7.43
N GLN A 243 8.56 5.42 6.91
CA GLN A 243 8.83 6.81 7.31
C GLN A 243 7.53 7.56 7.51
N LYS A 244 7.54 8.56 8.39
CA LYS A 244 6.39 9.44 8.55
C LYS A 244 6.85 10.73 9.22
N TRP A 245 6.18 11.83 8.89
CA TRP A 245 6.36 13.06 9.65
C TRP A 245 5.05 13.80 9.87
N ALA A 246 5.06 14.66 10.89
CA ALA A 246 3.93 15.50 11.23
C ALA A 246 4.51 16.87 11.49
N ALA A 247 3.88 17.91 10.97
CA ALA A 247 4.41 19.25 11.13
C ALA A 247 3.33 20.17 11.68
N VAL A 248 3.77 21.23 12.36
CA VAL A 248 2.85 22.27 12.81
C VAL A 248 3.49 23.64 12.58
N VAL A 249 2.67 24.62 12.26
CA VAL A 249 3.16 25.98 12.12
C VAL A 249 2.90 26.69 13.44
N VAL A 250 3.94 27.27 14.01
CA VAL A 250 3.87 27.86 15.36
C VAL A 250 4.33 29.32 15.36
N PRO A 251 3.84 30.11 16.33
CA PRO A 251 4.34 31.48 16.44
C PRO A 251 5.81 31.47 16.82
N SER A 252 6.62 32.30 16.18
CA SER A 252 8.04 32.35 16.50
C SER A 252 8.23 32.69 17.98
N GLY A 253 9.17 32.01 18.62
CA GLY A 253 9.43 32.20 20.03
C GLY A 253 8.65 31.26 20.93
N GLU A 254 7.64 30.58 20.39
CA GLU A 254 6.76 29.76 21.20
C GLU A 254 6.96 28.28 20.95
N GLU A 255 8.04 27.94 20.24
CA GLU A 255 8.36 26.55 19.94
C GLU A 255 8.33 25.62 21.16
N GLN A 256 8.78 26.11 22.30
CA GLN A 256 8.89 25.27 23.49
C GLN A 256 7.53 24.80 24.03
N ARG A 257 6.45 25.43 23.60
CA ARG A 257 5.12 25.00 24.07
C ARG A 257 4.70 23.69 23.39
N TYR A 258 5.38 23.33 22.32
CA TYR A 258 4.91 22.22 21.48
C TYR A 258 5.71 20.94 21.69
N THR A 259 5.01 19.83 21.78
CA THR A 259 5.67 18.54 21.93
C THR A 259 5.12 17.56 20.91
N CYS A 260 6.01 16.77 20.34
CA CYS A 260 5.60 15.73 19.43
C CYS A 260 5.65 14.39 20.14
N HIS A 261 4.57 13.62 20.02
CA HIS A 261 4.50 12.33 20.71
C HIS A 261 4.48 11.19 19.71
N VAL A 262 5.35 10.21 19.93
CA VAL A 262 5.57 9.12 18.98
C VAL A 262 5.28 7.78 19.63
N GLN A 263 4.35 7.03 19.04
CA GLN A 263 3.96 5.73 19.54
C GLN A 263 4.18 4.68 18.48
N HIS A 264 4.85 3.60 18.85
CA HIS A 264 5.15 2.50 17.93
C HIS A 264 5.45 1.28 18.77
N GLU A 265 5.10 0.10 18.26
CA GLU A 265 5.24 -1.10 19.07
C GLU A 265 6.68 -1.41 19.45
N GLY A 266 7.63 -0.84 18.71
CA GLY A 266 9.03 -1.03 19.00
C GLY A 266 9.53 -0.15 20.14
N LEU A 267 8.67 0.73 20.62
CA LEU A 267 9.04 1.62 21.72
C LEU A 267 8.42 1.14 23.03
N PRO A 268 9.26 0.86 24.04
CA PRO A 268 8.76 0.45 25.35
C PRO A 268 7.87 1.54 25.93
N LYS A 269 8.29 2.78 25.75
CA LYS A 269 7.55 3.94 26.20
C LYS A 269 7.45 4.92 25.05
N PRO A 270 6.27 5.52 24.83
CA PRO A 270 6.17 6.58 23.82
C PRO A 270 7.26 7.64 24.00
N LEU A 271 7.73 8.19 22.90
CA LEU A 271 8.73 9.26 22.96
C LEU A 271 8.05 10.62 22.92
N THR A 272 8.64 11.60 23.60
CA THR A 272 8.20 12.98 23.48
C THR A 272 9.38 13.81 22.98
N LEU A 273 9.18 14.54 21.90
CA LEU A 273 10.21 15.41 21.36
C LEU A 273 9.78 16.86 21.51
N ARG A 274 10.73 17.71 21.88
CA ARG A 274 10.46 19.14 22.04
C ARG A 274 11.66 19.89 21.49
N TRP A 275 11.42 20.92 20.66
CA TRP A 275 12.49 21.74 20.11
C TRP A 275 13.14 22.57 21.20
N ILE B 2 -16.19 7.35 -8.36
CA ILE B 2 -15.41 8.56 -8.21
C ILE B 2 -13.96 8.32 -8.64
N GLN B 3 -13.22 9.41 -8.83
CA GLN B 3 -11.79 9.34 -9.05
C GLN B 3 -11.11 10.02 -7.89
N ARG B 4 -9.89 9.58 -7.56
CA ARG B 4 -9.16 10.15 -6.43
C ARG B 4 -7.77 10.56 -6.90
N THR B 5 -7.34 11.74 -6.47
CA THR B 5 -6.08 12.29 -6.95
C THR B 5 -4.94 11.78 -6.07
N PRO B 6 -3.79 11.48 -6.68
CA PRO B 6 -2.67 10.93 -5.91
C PRO B 6 -2.09 11.92 -4.90
N LYS B 7 -1.73 11.40 -3.74
CA LYS B 7 -0.90 12.13 -2.79
C LYS B 7 0.53 11.79 -3.12
N ILE B 8 1.34 12.81 -3.36
CA ILE B 8 2.67 12.59 -3.89
C ILE B 8 3.69 13.01 -2.86
N GLN B 9 4.69 12.16 -2.65
CA GLN B 9 5.80 12.47 -1.76
C GLN B 9 7.12 12.15 -2.44
N VAL B 10 8.03 13.10 -2.44
CA VAL B 10 9.33 12.89 -3.06
C VAL B 10 10.37 13.04 -1.96
N TYR B 11 11.22 12.04 -1.79
CA TYR B 11 12.11 12.01 -0.65
C TYR B 11 13.24 11.02 -0.85
N SER B 12 14.27 11.13 -0.02
CA SER B 12 15.36 10.18 -0.09
C SER B 12 15.18 9.12 0.98
N ARG B 13 15.72 7.93 0.73
CA ARG B 13 15.65 6.85 1.69
C ARG B 13 16.32 7.26 2.99
N HIS B 14 17.47 7.91 2.86
CA HIS B 14 18.21 8.40 4.00
C HIS B 14 18.33 9.92 3.92
N PRO B 15 18.46 10.59 5.07
CA PRO B 15 18.66 12.05 4.99
C PRO B 15 19.82 12.32 4.04
N ALA B 16 19.66 13.31 3.17
CA ALA B 16 20.63 13.52 2.09
C ALA B 16 21.95 14.09 2.57
N GLU B 17 23.03 13.55 2.05
CA GLU B 17 24.35 14.12 2.23
C GLU B 17 25.05 14.14 0.89
N ASN B 18 25.42 15.33 0.44
CA ASN B 18 26.11 15.46 -0.84
C ASN B 18 27.29 14.50 -0.94
N GLY B 19 27.39 13.80 -2.06
CA GLY B 19 28.49 12.87 -2.27
C GLY B 19 28.25 11.48 -1.72
N LYS B 20 27.16 11.31 -0.97
CA LYS B 20 26.83 10.02 -0.37
C LYS B 20 25.71 9.31 -1.12
N SER B 21 26.00 8.12 -1.64
N SER B 21 25.99 8.12 -1.63
CA SER B 21 25.01 7.33 -2.36
CA SER B 21 25.00 7.34 -2.36
C SER B 21 23.72 7.18 -1.54
C SER B 21 23.72 7.18 -1.54
N ASN B 22 22.59 7.21 -2.23
CA ASN B 22 21.29 7.19 -1.57
C ASN B 22 20.27 6.62 -2.55
N PHE B 23 18.99 6.70 -2.18
CA PHE B 23 17.92 6.33 -3.09
C PHE B 23 16.91 7.45 -3.15
N LEU B 24 16.51 7.82 -4.36
CA LEU B 24 15.49 8.85 -4.54
C LEU B 24 14.14 8.17 -4.73
N ASN B 25 13.17 8.54 -3.90
CA ASN B 25 11.85 7.92 -3.93
C ASN B 25 10.76 8.88 -4.37
N CYS B 26 9.79 8.36 -5.12
CA CYS B 26 8.52 9.07 -5.33
C CYS B 26 7.38 8.13 -5.00
N TYR B 27 6.69 8.44 -3.91
CA TYR B 27 5.60 7.59 -3.44
C TYR B 27 4.27 8.27 -3.74
N VAL B 28 3.45 7.58 -4.53
CA VAL B 28 2.12 8.05 -4.84
C VAL B 28 1.09 7.12 -4.21
N SER B 29 0.11 7.69 -3.55
CA SER B 29 -0.88 6.90 -2.82
C SER B 29 -2.24 7.57 -2.87
N GLY B 30 -3.27 6.83 -2.45
CA GLY B 30 -4.61 7.36 -2.34
C GLY B 30 -5.29 7.65 -3.66
N PHE B 31 -4.79 7.08 -4.76
CA PHE B 31 -5.36 7.41 -6.06
C PHE B 31 -6.28 6.35 -6.68
N HIS B 32 -7.09 6.79 -7.64
CA HIS B 32 -7.96 5.90 -8.40
C HIS B 32 -8.45 6.68 -9.62
N PRO B 33 -8.42 6.07 -10.81
CA PRO B 33 -8.03 4.68 -11.08
C PRO B 33 -6.51 4.44 -11.03
N SER B 34 -6.09 3.20 -11.28
CA SER B 34 -4.70 2.79 -11.07
C SER B 34 -3.78 3.21 -12.20
N ASP B 35 -4.33 3.46 -13.39
CA ASP B 35 -3.56 3.99 -14.51
C ASP B 35 -2.84 5.28 -14.10
N ILE B 36 -1.51 5.24 -14.10
CA ILE B 36 -0.73 6.40 -13.69
C ILE B 36 0.66 6.35 -14.32
N GLU B 37 1.23 7.52 -14.57
CA GLU B 37 2.60 7.59 -15.07
C GLU B 37 3.44 8.44 -14.13
N VAL B 38 4.56 7.88 -13.66
CA VAL B 38 5.40 8.56 -12.69
C VAL B 38 6.85 8.59 -13.17
N ASP B 39 7.42 9.78 -13.27
CA ASP B 39 8.80 9.89 -13.70
C ASP B 39 9.61 10.67 -12.68
N LEU B 40 10.87 10.28 -12.51
CA LEU B 40 11.78 11.08 -11.71
C LEU B 40 12.61 11.93 -12.67
N LEU B 41 12.83 13.18 -12.30
CA LEU B 41 13.53 14.12 -13.15
C LEU B 41 14.79 14.62 -12.47
N LYS B 42 15.89 14.64 -13.22
CA LYS B 42 17.13 15.25 -12.75
C LYS B 42 17.39 16.49 -13.59
N ASN B 43 17.33 17.65 -12.94
CA ASN B 43 17.47 18.94 -13.64
C ASN B 43 16.54 19.04 -14.84
N GLY B 44 15.28 18.63 -14.66
CA GLY B 44 14.27 18.71 -15.70
C GLY B 44 14.23 17.55 -16.67
N GLU B 45 15.28 16.71 -16.66
CA GLU B 45 15.37 15.60 -17.60
C GLU B 45 14.95 14.26 -17.00
N ARG B 46 14.09 13.53 -17.70
CA ARG B 46 13.60 12.26 -17.20
C ARG B 46 14.75 11.30 -16.96
N ILE B 47 14.80 10.72 -15.77
CA ILE B 47 15.81 9.74 -15.41
C ILE B 47 15.48 8.40 -16.03
N GLU B 48 16.45 7.79 -16.70
CA GLU B 48 16.25 6.46 -17.28
C GLU B 48 16.35 5.39 -16.21
N LYS B 49 15.71 4.26 -16.44
CA LYS B 49 15.88 3.13 -15.54
C LYS B 49 15.43 3.47 -14.12
N VAL B 50 14.19 3.89 -13.97
CA VAL B 50 13.60 4.01 -12.67
C VAL B 50 12.79 2.75 -12.45
N GLU B 51 12.86 2.19 -11.24
CA GLU B 51 12.07 1.01 -10.91
C GLU B 51 10.86 1.40 -10.09
N HIS B 52 9.88 0.51 -10.02
CA HIS B 52 8.72 0.76 -9.17
C HIS B 52 8.18 -0.52 -8.56
N SER B 53 7.45 -0.36 -7.46
CA SER B 53 6.86 -1.48 -6.74
C SER B 53 5.70 -2.08 -7.51
N ASP B 54 5.29 -3.28 -7.12
CA ASP B 54 4.11 -3.92 -7.72
C ASP B 54 2.83 -3.23 -7.24
N LEU B 55 1.89 -3.01 -8.15
CA LEU B 55 0.64 -2.34 -7.83
C LEU B 55 -0.07 -2.98 -6.64
N SER B 56 -0.35 -2.18 -5.62
CA SER B 56 -1.11 -2.69 -4.48
C SER B 56 -2.06 -1.61 -4.02
N PHE B 57 -2.86 -1.90 -3.00
CA PHE B 57 -3.82 -0.90 -2.53
C PHE B 57 -4.13 -1.01 -1.05
N SER B 58 -4.75 0.06 -0.53
CA SER B 58 -5.04 0.20 0.88
C SER B 58 -6.44 -0.28 1.23
N LYS B 59 -6.80 -0.15 2.50
CA LYS B 59 -8.09 -0.63 2.99
C LYS B 59 -9.26 0.04 2.28
N ASP B 60 -9.11 1.31 1.92
CA ASP B 60 -10.18 2.02 1.22
C ASP B 60 -10.19 1.77 -0.29
N TRP B 61 -9.35 0.83 -0.73
CA TRP B 61 -9.27 0.44 -2.14
C TRP B 61 -8.42 1.36 -2.99
N SER B 62 -7.91 2.44 -2.40
CA SER B 62 -7.09 3.38 -3.16
C SER B 62 -5.70 2.79 -3.36
N PHE B 63 -5.11 3.07 -4.51
CA PHE B 63 -3.83 2.46 -4.90
C PHE B 63 -2.62 3.20 -4.34
N TYR B 64 -1.49 2.50 -4.26
CA TYR B 64 -0.20 3.12 -3.96
C TYR B 64 0.94 2.44 -4.74
N LEU B 65 1.93 3.25 -5.13
CA LEU B 65 3.11 2.75 -5.85
C LEU B 65 4.36 3.51 -5.37
N LEU B 66 5.49 2.82 -5.31
CA LEU B 66 6.76 3.49 -5.05
C LEU B 66 7.62 3.42 -6.30
N TYR B 67 8.08 4.59 -6.74
CA TYR B 67 9.05 4.66 -7.82
C TYR B 67 10.38 5.05 -7.20
N TYR B 68 11.48 4.46 -7.66
CA TYR B 68 12.76 4.72 -7.01
C TYR B 68 13.94 4.49 -7.93
N THR B 69 15.04 5.16 -7.61
CA THR B 69 16.30 4.97 -8.32
C THR B 69 17.44 5.33 -7.40
N GLU B 70 18.55 4.61 -7.55
CA GLU B 70 19.79 4.95 -6.85
C GLU B 70 20.32 6.27 -7.38
N PHE B 71 20.86 7.09 -6.50
CA PHE B 71 21.43 8.37 -6.91
C PHE B 71 22.39 8.90 -5.86
N THR B 72 23.24 9.84 -6.25
CA THR B 72 24.15 10.51 -5.32
C THR B 72 23.90 12.00 -5.39
N PRO B 73 23.28 12.57 -4.36
CA PRO B 73 22.94 13.99 -4.36
C PRO B 73 24.19 14.87 -4.44
N THR B 74 24.03 16.02 -5.08
CA THR B 74 25.07 17.04 -5.06
C THR B 74 24.42 18.37 -4.76
N GLU B 75 25.22 19.39 -4.51
CA GLU B 75 24.66 20.72 -4.23
C GLU B 75 23.91 21.26 -5.44
N LYS B 76 24.43 20.98 -6.64
CA LYS B 76 23.90 21.57 -7.85
C LYS B 76 22.65 20.89 -8.41
N ASP B 77 22.57 19.57 -8.29
CA ASP B 77 21.51 18.81 -8.95
C ASP B 77 20.14 18.98 -8.29
N GLU B 78 19.14 19.27 -9.12
CA GLU B 78 17.76 19.43 -8.65
C GLU B 78 16.93 18.25 -9.09
N TYR B 79 16.17 17.68 -8.17
CA TYR B 79 15.40 16.48 -8.47
C TYR B 79 13.92 16.73 -8.27
N ALA B 80 13.10 16.01 -9.01
CA ALA B 80 11.65 16.17 -8.89
C ALA B 80 10.93 14.93 -9.40
N CYS B 81 9.63 14.85 -9.08
CA CYS B 81 8.83 13.73 -9.52
C CYS B 81 7.68 14.28 -10.32
N ARG B 82 7.47 13.74 -11.52
CA ARG B 82 6.38 14.17 -12.38
C ARG B 82 5.31 13.08 -12.41
N VAL B 83 4.12 13.45 -11.96
CA VAL B 83 3.02 12.49 -11.86
C VAL B 83 1.91 12.85 -12.84
N ASN B 84 1.59 11.91 -13.72
CA ASN B 84 0.62 12.08 -14.78
C ASN B 84 -0.57 11.20 -14.46
N HIS B 85 -1.72 11.81 -14.19
CA HIS B 85 -2.90 11.05 -13.78
C HIS B 85 -4.16 11.73 -14.30
N VAL B 86 -5.20 10.95 -14.57
CA VAL B 86 -6.42 11.49 -15.15
C VAL B 86 -7.06 12.59 -14.29
N THR B 87 -6.81 12.59 -12.98
CA THR B 87 -7.35 13.63 -12.11
C THR B 87 -6.59 14.95 -12.18
N LEU B 88 -5.44 14.95 -12.86
CA LEU B 88 -4.60 16.14 -12.95
C LEU B 88 -4.64 16.75 -14.35
N SER B 89 -5.14 17.99 -14.46
N SER B 89 -5.13 18.00 -14.45
CA SER B 89 -5.24 18.67 -15.74
CA SER B 89 -5.24 18.72 -15.71
C SER B 89 -3.87 18.83 -16.41
C SER B 89 -3.88 18.82 -16.41
N GLN B 90 -2.84 18.97 -15.60
CA GLN B 90 -1.48 18.89 -16.10
C GLN B 90 -0.71 18.03 -15.09
N PRO B 91 0.37 17.38 -15.54
CA PRO B 91 1.13 16.59 -14.57
C PRO B 91 1.62 17.44 -13.40
N LYS B 92 1.50 16.90 -12.20
CA LYS B 92 2.05 17.58 -11.02
C LYS B 92 3.53 17.27 -10.94
N ILE B 93 4.34 18.32 -10.90
CA ILE B 93 5.77 18.16 -10.72
C ILE B 93 6.12 18.66 -9.31
N VAL B 94 6.57 17.74 -8.48
CA VAL B 94 6.86 18.03 -7.09
C VAL B 94 8.36 18.00 -6.90
N LYS B 95 8.94 19.11 -6.46
CA LYS B 95 10.37 19.18 -6.27
C LYS B 95 10.80 18.44 -5.03
N TRP B 96 11.95 17.78 -5.08
CA TRP B 96 12.53 17.16 -3.90
C TRP B 96 12.99 18.23 -2.93
N ASP B 97 12.43 18.22 -1.72
CA ASP B 97 12.85 19.08 -0.63
C ASP B 97 13.50 18.17 0.40
N ARG B 98 14.75 18.46 0.76
CA ARG B 98 15.52 17.55 1.61
C ARG B 98 14.92 17.35 3.01
N ASP B 99 13.97 18.20 3.39
CA ASP B 99 13.28 18.00 4.67
C ASP B 99 11.77 17.80 4.47
N MET B 100 11.42 16.97 3.50
CA MET B 100 10.02 16.55 3.35
C MET B 100 9.94 15.11 2.86
N PHE C 1 -0.13 -19.04 0.98
CA PHE C 1 -0.80 -19.86 -0.03
C PHE C 1 -1.99 -19.13 -0.60
N TYR C 2 -2.05 -19.01 -1.92
CA TYR C 2 -3.19 -18.38 -2.58
C TYR C 2 -4.42 -19.25 -2.38
N ARG C 3 -5.59 -18.65 -2.59
CA ARG C 3 -6.84 -19.40 -2.46
C ARG C 3 -7.06 -20.27 -3.70
N TYR C 4 -7.70 -21.42 -3.51
CA TYR C 4 -8.05 -22.28 -4.62
C TYR C 4 -9.17 -21.64 -5.45
N ALA C 8 -16.40 -19.01 -8.43
CA ALA C 8 -17.68 -18.33 -8.21
C ALA C 8 -17.74 -17.01 -8.98
N ASN C 9 -18.70 -16.91 -9.89
CA ASN C 9 -18.88 -15.70 -10.67
C ASN C 9 -19.97 -14.79 -10.08
N PHE C 10 -19.83 -13.49 -10.34
CA PHE C 10 -20.82 -12.50 -9.90
C PHE C 10 -22.21 -12.87 -10.42
#